data_8WS8
#
_entry.id   8WS8
#
_cell.length_a   1.00
_cell.length_b   1.00
_cell.length_c   1.00
_cell.angle_alpha   90.00
_cell.angle_beta   90.00
_cell.angle_gamma   90.00
#
_symmetry.space_group_name_H-M   'P 1'
#
loop_
_entity.id
_entity.type
_entity.pdbx_description
1 polymer Cas12-1
2 polymer TS
3 polymer crRNA
4 polymer NTS
#
loop_
_entity_poly.entity_id
_entity_poly.type
_entity_poly.pdbx_seq_one_letter_code
_entity_poly.pdbx_strand_id
1 'polypeptide(L)'
;MTPKTETPVGALIKKFFPGKRFQKNYLKDAGKKLKREGEAAAVEYLSGKQEDHPANFCPPAKVNILAQSRPLSEWPINLV
SKGVQEYVYGLTAAEREANGDFGTSRKSLDRWFARTGVPTHGYTTVQGLNLILRHTFNRYDGVIKKVETRNEKRRSKATR
INVSREADGLPPIEAEPEETAFGPDGKLKERPGINPSIYCYQQVSPVPYNPAKHPALPFSGVDPGAPLPLGTPNRLSIPK
GQPGYVPEWQRPHLSTKNKRIRKWYARANWRRKPGRKSVLDEAKLKEAALKEAIPIIVTIGKDWIVMDARGLLRAVYWRG
IAKPGLSLKELLGFFSGDPVLDPKRGIATFTFKLGAVAVHSRKPTRGKKSKELLLSMTAEKPHVGLVAIDLGQTNPVAAE
FSRVKREGETLQAEPLGQIVLPDDLVKDLTRYRRAWDATEEQIKAEAIVQLPEECRAEVVKVNQMSAEETKHLILDRGVS
GDLPWEKMTSNTTFISDHLLAKGVTDQVFFEKKSKGKKKGTETVKRKDYGWVKLLRPRLSQETRKAVNDKTWELKRASTE
YVRLSRRKTELARRCVNYIVRETKRWTQCEDIAIVIEDLNVRFFHGSGERPDGWDNFFISKRENRWFIQVLHKAFSDLAL
HRGLPVIEANPARTSITCIRCGHCDRNNRHGEMFLCLSCNDLRHADREIATRNLTRVAVTGEMIPRRIEPGEQSGDTKKA
RSARKGKKAVISKREAA
;
A
2 'polydeoxyribonucleotide'
;(DC)(DT)(DG)(DC)(DC)(DC)(DT)(DT)(DG)(DC)(DA)(DA)(DC)(DT)(DT)(DC)(DA)(DG)(DC)(DA)
(DG)(DC)(DA)(DC)(DG)(DT)(DA)(DG)(DG)(DG)(DG)(DA)(DG)(DA)(DA)(DT)(DT)(DG)(DG)(DC)
(DC)(DA)
;
C
3 'polyribonucleotide' UCAACGCUUGCUCGGUUCGCCGAGACUCCCCUACGUGCUGCUGAAG B
4 'polydeoxyribonucleotide'
;(DT)(DG)(DG)(DC)(DC)(DA)(DA)(DT)(DT)(DC)(DT)(DC)(DC)(DC)(DC)(DT)(DA)(DC)(DG)(DT)
(DG)(DC)(DT)(DG)(DC)(DT)(DG)(DA)(DA)(DG)(DT)(DT)(DG)(DC)(DA)(DA)(DG)(DG)(DG)(DC)
(DA)(DG)
;
D
#
# COMPACT_ATOMS: atom_id res chain seq x y z
N CYS A 58 13.62 -0.19 5.90
CA CYS A 58 12.33 0.47 5.78
C CYS A 58 11.18 -0.53 5.84
N PRO A 59 10.87 -1.01 7.05
CA PRO A 59 9.82 -2.01 7.17
C PRO A 59 8.46 -1.41 6.90
N PRO A 60 7.49 -2.22 6.50
CA PRO A 60 6.13 -1.72 6.29
C PRO A 60 5.26 -1.86 7.52
N ALA A 61 4.24 -1.00 7.59
CA ALA A 61 3.25 -1.02 8.65
C ALA A 61 1.86 -0.91 8.03
N LYS A 62 0.91 -1.65 8.57
CA LYS A 62 -0.39 -1.83 7.94
C LYS A 62 -1.48 -1.19 8.77
N VAL A 63 -2.54 -0.75 8.10
CA VAL A 63 -3.64 0.00 8.70
C VAL A 63 -4.94 -0.39 8.01
N ASN A 64 -6.01 -0.49 8.79
CA ASN A 64 -7.33 -0.82 8.29
C ASN A 64 -8.13 0.45 8.02
N ILE A 65 -9.17 0.30 7.20
CA ILE A 65 -10.02 1.42 6.82
C ILE A 65 -11.27 1.41 7.70
N LEU A 66 -11.85 2.60 7.87
CA LEU A 66 -13.06 2.73 8.69
C LEU A 66 -14.23 3.29 7.86
N ALA A 67 -13.99 4.32 7.03
CA ALA A 67 -15.05 4.87 6.20
C ALA A 67 -14.45 5.52 4.97
N GLN A 68 -15.27 5.66 3.94
CA GLN A 68 -14.91 6.35 2.71
C GLN A 68 -16.17 6.88 2.06
N SER A 69 -16.03 7.92 1.25
CA SER A 69 -17.19 8.49 0.55
C SER A 69 -17.81 7.43 -0.31
N ARG A 70 -17.03 6.91 -1.26
CA ARG A 70 -17.52 5.87 -2.14
C ARG A 70 -16.42 4.84 -2.30
N PRO A 71 -16.76 3.62 -2.74
CA PRO A 71 -15.73 2.60 -2.99
C PRO A 71 -14.55 3.16 -3.77
N LEU A 72 -13.34 2.73 -3.45
CA LEU A 72 -12.15 3.25 -4.12
C LEU A 72 -12.05 2.62 -5.49
N SER A 73 -12.99 2.94 -6.36
CA SER A 73 -13.00 2.41 -7.70
C SER A 73 -13.53 3.53 -8.55
N GLU A 74 -14.38 4.36 -7.96
CA GLU A 74 -14.89 5.51 -8.70
C GLU A 74 -13.95 6.71 -8.61
N TRP A 75 -12.83 6.56 -7.90
CA TRP A 75 -11.88 7.64 -7.74
C TRP A 75 -11.30 8.04 -9.11
N PRO A 76 -11.15 9.33 -9.38
CA PRO A 76 -10.43 9.74 -10.58
C PRO A 76 -9.02 9.20 -10.65
N ILE A 77 -8.33 9.06 -9.52
CA ILE A 77 -6.94 8.59 -9.55
C ILE A 77 -6.86 7.15 -10.04
N ASN A 78 -7.71 6.27 -9.50
CA ASN A 78 -7.67 4.87 -9.91
C ASN A 78 -8.14 4.71 -11.35
N LEU A 79 -9.20 5.43 -11.74
CA LEU A 79 -9.70 5.34 -13.11
C LEU A 79 -8.65 5.83 -14.11
N VAL A 80 -7.98 6.93 -13.80
CA VAL A 80 -6.96 7.45 -14.70
C VAL A 80 -5.77 6.50 -14.78
N SER A 81 -5.36 5.92 -13.65
CA SER A 81 -4.27 4.96 -13.69
C SER A 81 -4.64 3.74 -14.52
N LYS A 82 -5.89 3.27 -14.37
CA LYS A 82 -6.34 2.12 -15.16
C LYS A 82 -6.33 2.43 -16.65
N GLY A 83 -6.84 3.60 -17.04
CA GLY A 83 -6.82 3.97 -18.45
C GLY A 83 -5.42 4.12 -19.00
N VAL A 84 -4.54 4.79 -18.23
CA VAL A 84 -3.16 4.99 -18.67
C VAL A 84 -2.46 3.65 -18.87
N GLN A 85 -2.63 2.75 -17.91
CA GLN A 85 -2.00 1.44 -18.01
C GLN A 85 -2.52 0.69 -19.21
N GLU A 86 -3.85 0.66 -19.38
CA GLU A 86 -4.45 -0.06 -20.49
C GLU A 86 -3.93 0.47 -21.82
N TYR A 87 -3.74 1.78 -21.93
CA TYR A 87 -3.18 2.33 -23.16
C TYR A 87 -1.73 1.94 -23.35
N VAL A 88 -0.91 2.10 -22.29
CA VAL A 88 0.53 1.96 -22.45
C VAL A 88 0.93 0.52 -22.69
N TYR A 89 0.42 -0.41 -21.88
CA TYR A 89 0.82 -1.82 -22.01
C TYR A 89 0.65 -2.33 -23.42
N GLY A 90 -0.42 -1.92 -24.08
CA GLY A 90 -0.68 -2.34 -25.44
C GLY A 90 -0.11 -1.42 -26.48
N LEU A 91 1.19 -1.19 -26.38
CA LEU A 91 1.83 -0.37 -27.39
C LEU A 91 2.81 -1.17 -28.20
N THR A 92 3.10 -0.69 -29.41
CA THR A 92 4.05 -1.34 -30.27
C THR A 92 5.42 -0.81 -29.87
N ALA A 93 6.47 -1.53 -30.23
CA ALA A 93 7.83 -1.13 -29.87
C ALA A 93 8.24 0.19 -30.50
N ALA A 94 7.49 0.68 -31.49
CA ALA A 94 7.74 2.01 -32.06
C ALA A 94 6.85 3.08 -31.45
N GLU A 95 5.61 2.71 -31.15
CA GLU A 95 4.69 3.64 -30.51
C GLU A 95 5.13 3.94 -29.09
N ARG A 96 5.92 3.04 -28.51
CA ARG A 96 6.43 3.27 -27.16
C ARG A 96 7.35 4.46 -27.23
N GLU A 97 8.27 4.48 -28.19
CA GLU A 97 9.19 5.59 -28.35
C GLU A 97 8.51 6.84 -28.91
N ALA A 98 7.43 6.66 -29.66
CA ALA A 98 6.66 7.82 -30.13
C ALA A 98 5.93 8.50 -28.98
N ASN A 99 5.31 7.73 -28.10
CA ASN A 99 4.56 8.28 -26.97
C ASN A 99 5.33 8.22 -25.67
N GLY A 100 6.63 7.95 -25.72
CA GLY A 100 7.42 7.85 -24.51
C GLY A 100 7.90 9.15 -23.93
N ASP A 101 7.61 10.28 -24.57
CA ASP A 101 7.98 11.58 -24.01
C ASP A 101 6.88 12.12 -23.10
N PHE A 102 6.43 11.28 -22.17
CA PHE A 102 5.55 11.77 -21.11
C PHE A 102 6.31 12.78 -20.28
N GLY A 103 5.70 13.93 -20.05
CA GLY A 103 6.39 15.04 -19.45
C GLY A 103 6.45 14.96 -17.94
N THR A 104 6.75 16.11 -17.34
CA THR A 104 6.79 16.24 -15.90
C THR A 104 6.13 17.52 -15.42
N SER A 105 5.63 18.35 -16.34
CA SER A 105 5.05 19.64 -16.04
C SER A 105 3.55 19.61 -16.30
N ARG A 106 2.91 20.75 -16.12
CA ARG A 106 1.48 20.82 -16.40
C ARG A 106 1.24 20.75 -17.90
N LYS A 107 1.97 21.54 -18.69
CA LYS A 107 1.70 21.58 -20.12
C LYS A 107 2.09 20.27 -20.82
N SER A 108 3.22 19.69 -20.44
CA SER A 108 3.67 18.47 -21.09
C SER A 108 2.73 17.31 -20.79
N LEU A 109 2.40 17.11 -19.52
CA LEU A 109 1.46 16.07 -19.15
C LEU A 109 0.05 16.39 -19.62
N ASP A 110 -0.23 17.64 -19.95
CA ASP A 110 -1.55 17.96 -20.50
C ASP A 110 -1.61 17.57 -21.96
N ARG A 111 -0.58 17.91 -22.71
CA ARG A 111 -0.58 17.62 -24.14
C ARG A 111 -0.33 16.15 -24.44
N TRP A 112 0.29 15.41 -23.51
CA TRP A 112 0.43 13.98 -23.70
C TRP A 112 -0.94 13.29 -23.72
N PHE A 113 -1.85 13.73 -22.87
CA PHE A 113 -3.18 13.12 -22.82
C PHE A 113 -3.97 13.40 -24.10
N ALA A 114 -3.75 14.56 -24.72
CA ALA A 114 -4.41 14.83 -26.00
C ALA A 114 -3.76 14.05 -27.13
N ARG A 115 -2.42 13.98 -27.13
CA ARG A 115 -1.72 13.24 -28.18
C ARG A 115 -2.01 11.76 -28.11
N THR A 116 -1.98 11.18 -26.92
CA THR A 116 -2.27 9.76 -26.74
C THR A 116 -3.76 9.49 -26.56
N GLY A 117 -4.58 10.51 -26.32
CA GLY A 117 -6.02 10.33 -26.31
C GLY A 117 -6.59 9.64 -25.09
N VAL A 118 -5.79 9.42 -24.05
CA VAL A 118 -6.27 8.68 -22.88
C VAL A 118 -7.40 9.45 -22.21
N PRO A 119 -8.54 8.81 -21.92
CA PRO A 119 -9.62 9.51 -21.21
C PRO A 119 -9.12 10.08 -19.89
N THR A 120 -9.56 11.29 -19.59
CA THR A 120 -9.24 11.95 -18.33
C THR A 120 -10.54 12.16 -17.58
N HIS A 121 -10.62 11.64 -16.36
CA HIS A 121 -11.84 11.67 -15.58
C HIS A 121 -11.93 12.90 -14.68
N GLY A 122 -10.97 13.82 -14.78
CA GLY A 122 -10.96 14.99 -13.94
C GLY A 122 -9.63 15.18 -13.25
N TYR A 123 -8.88 14.09 -13.13
CA TYR A 123 -7.60 14.14 -12.43
C TYR A 123 -6.61 14.99 -13.21
N THR A 124 -5.90 15.87 -12.49
CA THR A 124 -4.96 16.78 -13.12
C THR A 124 -3.71 16.97 -12.27
N THR A 125 -3.66 16.36 -11.10
CA THR A 125 -2.53 16.60 -10.19
C THR A 125 -1.22 16.15 -10.82
N VAL A 126 -0.27 17.05 -10.96
CA VAL A 126 1.02 16.73 -11.56
C VAL A 126 1.76 15.71 -10.69
N GLN A 127 1.76 15.92 -9.37
CA GLN A 127 2.38 14.95 -8.48
C GLN A 127 1.63 13.63 -8.50
N GLY A 128 0.32 13.66 -8.73
CA GLY A 128 -0.49 12.45 -8.78
C GLY A 128 -0.63 11.85 -10.17
N LEU A 129 -0.39 12.64 -11.21
CA LEU A 129 -0.30 12.12 -12.57
C LEU A 129 1.10 11.69 -12.95
N ASN A 130 2.10 12.01 -12.12
CA ASN A 130 3.45 11.58 -12.41
C ASN A 130 3.69 10.19 -11.88
N LEU A 131 3.10 9.89 -10.73
CA LEU A 131 3.33 8.60 -10.10
C LEU A 131 2.60 7.46 -10.82
N ILE A 132 1.75 7.76 -11.79
CA ILE A 132 1.03 6.75 -12.53
C ILE A 132 1.35 6.80 -14.02
N LEU A 133 2.49 7.39 -14.37
CA LEU A 133 3.09 7.32 -15.71
C LEU A 133 4.49 6.73 -15.68
N ARG A 134 5.31 7.14 -14.73
CA ARG A 134 6.63 6.54 -14.57
C ARG A 134 6.53 5.06 -14.30
N HIS A 135 5.63 4.67 -13.38
CA HIS A 135 5.48 3.25 -13.07
C HIS A 135 5.02 2.46 -14.30
N THR A 136 4.06 2.99 -15.04
CA THR A 136 3.52 2.27 -16.20
C THR A 136 4.58 2.09 -17.27
N PHE A 137 5.37 3.14 -17.55
CA PHE A 137 6.36 3.01 -18.61
C PHE A 137 7.56 2.18 -18.17
N ASN A 138 7.94 2.24 -16.89
CA ASN A 138 8.98 1.33 -16.42
C ASN A 138 8.51 -0.11 -16.41
N ARG A 139 7.22 -0.38 -16.17
CA ARG A 139 6.74 -1.75 -16.26
C ARG A 139 6.75 -2.24 -17.70
N TYR A 140 6.28 -1.41 -18.63
CA TYR A 140 6.36 -1.76 -20.05
C TYR A 140 7.79 -2.07 -20.43
N ASP A 141 8.72 -1.18 -20.11
CA ASP A 141 10.12 -1.40 -20.45
C ASP A 141 10.72 -2.59 -19.71
N GLY A 142 10.19 -2.89 -18.53
CA GLY A 142 10.69 -3.98 -17.71
C GLY A 142 10.37 -5.35 -18.26
N VAL A 143 9.24 -5.50 -18.94
CA VAL A 143 8.93 -6.79 -19.57
C VAL A 143 9.98 -7.05 -20.64
N ILE A 144 10.34 -6.03 -21.40
CA ILE A 144 11.37 -6.18 -22.42
C ILE A 144 12.67 -6.49 -21.70
N LYS A 145 12.89 -5.84 -20.56
CA LYS A 145 14.10 -6.11 -19.77
C LYS A 145 14.14 -7.57 -19.32
N LYS A 146 12.98 -8.11 -18.94
CA LYS A 146 12.91 -9.53 -18.58
C LYS A 146 13.22 -10.42 -19.76
N VAL A 147 12.61 -10.18 -20.91
CA VAL A 147 12.82 -11.08 -22.04
C VAL A 147 14.24 -10.93 -22.62
N GLU A 148 14.90 -9.81 -22.31
CA GLU A 148 16.27 -9.62 -22.78
C GLU A 148 17.31 -9.90 -21.71
N THR A 149 16.89 -10.17 -20.47
CA THR A 149 17.85 -10.55 -19.44
C THR A 149 18.46 -11.92 -19.71
N ARG A 150 17.64 -12.88 -20.13
CA ARG A 150 18.15 -14.21 -20.42
C ARG A 150 19.13 -14.17 -21.58
N ASN A 151 18.83 -13.35 -22.60
CA ASN A 151 19.68 -13.28 -23.78
C ASN A 151 21.09 -12.80 -23.46
N GLU A 152 21.28 -12.03 -22.38
CA GLU A 152 22.63 -11.62 -22.01
C GLU A 152 23.50 -12.82 -21.64
N LYS A 153 23.02 -13.65 -20.71
CA LYS A 153 23.75 -14.86 -20.37
C LYS A 153 23.80 -15.84 -21.53
N ARG A 154 22.76 -15.86 -22.38
CA ARG A 154 22.79 -16.72 -23.55
C ARG A 154 23.92 -16.34 -24.49
N ARG A 155 24.05 -15.04 -24.76
CA ARG A 155 25.13 -14.56 -25.61
C ARG A 155 26.49 -14.79 -24.96
N SER A 156 26.58 -14.59 -23.64
CA SER A 156 27.85 -14.84 -22.96
C SER A 156 28.25 -16.30 -23.06
N LYS A 157 27.31 -17.21 -22.84
CA LYS A 157 27.61 -18.63 -22.94
C LYS A 157 27.99 -19.02 -24.36
N ALA A 158 27.27 -18.49 -25.36
CA ALA A 158 27.61 -18.77 -26.74
C ALA A 158 29.01 -18.26 -27.09
N THR A 159 29.36 -17.07 -26.61
CA THR A 159 30.69 -16.52 -26.86
C THR A 159 31.76 -17.36 -26.19
N ARG A 160 31.51 -17.82 -24.95
CA ARG A 160 32.47 -18.66 -24.27
C ARG A 160 32.67 -19.99 -25.01
N ILE A 161 31.58 -20.60 -25.47
CA ILE A 161 31.68 -21.85 -26.21
C ILE A 161 32.43 -21.64 -27.51
N ASN A 162 32.15 -20.54 -28.21
CA ASN A 162 32.87 -20.26 -29.45
C ASN A 162 34.35 -20.03 -29.21
N VAL A 163 34.69 -19.34 -28.13
CA VAL A 163 36.10 -19.11 -27.80
C VAL A 163 36.79 -20.43 -27.48
N SER A 164 36.11 -21.31 -26.73
CA SER A 164 36.70 -22.61 -26.41
C SER A 164 36.91 -23.43 -27.68
N ARG A 165 35.93 -23.41 -28.60
CA ARG A 165 36.08 -24.16 -29.85
C ARG A 165 37.21 -23.59 -30.70
N GLU A 166 37.33 -22.26 -30.74
CA GLU A 166 38.42 -21.64 -31.49
C GLU A 166 39.77 -22.01 -30.91
N ALA A 167 39.87 -22.04 -29.58
CA ALA A 167 41.10 -22.47 -28.93
C ALA A 167 41.40 -23.93 -29.26
N ASP A 168 40.37 -24.78 -29.27
CA ASP A 168 40.54 -26.16 -29.68
C ASP A 168 40.68 -26.32 -31.19
N GLY A 169 40.36 -25.27 -31.96
CA GLY A 169 40.45 -25.31 -33.40
C GLY A 169 39.14 -25.54 -34.11
N LEU A 170 38.11 -25.99 -33.41
CA LEU A 170 36.82 -26.23 -34.04
C LEU A 170 36.15 -24.90 -34.40
N PRO A 171 35.36 -24.89 -35.47
CA PRO A 171 34.65 -23.66 -35.82
C PRO A 171 33.59 -23.34 -34.79
N PRO A 172 33.23 -22.06 -34.63
CA PRO A 172 32.20 -21.70 -33.65
C PRO A 172 30.86 -22.36 -33.97
N ILE A 173 30.15 -22.74 -32.92
CA ILE A 173 28.86 -23.42 -33.06
C ILE A 173 27.76 -22.37 -33.14
N GLU A 174 26.73 -22.68 -33.93
CA GLU A 174 25.60 -21.78 -34.09
C GLU A 174 24.74 -21.77 -32.84
N ALA A 175 24.12 -20.61 -32.58
CA ALA A 175 23.24 -20.43 -31.43
C ALA A 175 21.98 -19.71 -31.86
N GLU A 176 20.94 -19.86 -31.05
CA GLU A 176 19.68 -19.19 -31.35
C GLU A 176 19.85 -17.68 -31.29
N PRO A 177 19.23 -16.92 -32.19
CA PRO A 177 19.46 -15.47 -32.23
C PRO A 177 18.98 -14.75 -30.97
N GLU A 178 17.70 -14.88 -30.64
CA GLU A 178 17.11 -14.18 -29.50
C GLU A 178 15.69 -14.68 -29.30
N GLU A 179 15.18 -14.44 -28.10
CA GLU A 179 13.78 -14.69 -27.76
C GLU A 179 13.17 -13.34 -27.42
N THR A 180 12.69 -12.63 -28.45
CA THR A 180 12.11 -11.31 -28.26
C THR A 180 10.73 -11.43 -27.62
N ALA A 181 10.05 -10.29 -27.46
CA ALA A 181 8.77 -10.24 -26.78
C ALA A 181 7.64 -9.73 -27.68
N PHE A 182 7.82 -9.77 -29.00
CA PHE A 182 6.86 -9.18 -29.92
C PHE A 182 6.42 -10.21 -30.96
N GLY A 183 5.10 -10.33 -31.14
CA GLY A 183 4.54 -11.26 -32.08
C GLY A 183 4.24 -10.64 -33.44
N PRO A 184 3.48 -11.36 -34.26
CA PRO A 184 3.19 -10.86 -35.62
C PRO A 184 2.43 -9.54 -35.62
N ASP A 185 1.58 -9.30 -34.63
CA ASP A 185 0.80 -8.06 -34.58
C ASP A 185 1.67 -6.85 -34.26
N GLY A 186 2.93 -7.04 -33.91
CA GLY A 186 3.81 -5.97 -33.52
C GLY A 186 3.76 -5.62 -32.05
N LYS A 187 2.64 -5.92 -31.39
CA LYS A 187 2.50 -5.66 -29.97
C LYS A 187 3.40 -6.61 -29.17
N LEU A 188 3.32 -6.49 -27.85
CA LEU A 188 4.16 -7.27 -26.95
C LEU A 188 3.45 -8.56 -26.55
N LYS A 189 4.23 -9.62 -26.37
CA LYS A 189 3.66 -10.94 -26.09
C LYS A 189 3.08 -11.01 -24.69
N GLU A 190 3.92 -10.85 -23.67
CA GLU A 190 3.50 -10.99 -22.27
C GLU A 190 3.04 -9.64 -21.74
N ARG A 191 1.91 -9.19 -22.28
CA ARG A 191 1.38 -7.87 -21.90
C ARG A 191 1.05 -7.84 -20.42
N PRO A 192 1.50 -6.83 -19.69
CA PRO A 192 1.34 -6.84 -18.23
C PRO A 192 -0.11 -6.66 -17.81
N GLY A 193 -0.33 -6.86 -16.50
CA GLY A 193 -1.63 -6.67 -15.91
C GLY A 193 -1.70 -5.42 -15.07
N ILE A 194 -2.91 -4.88 -14.90
CA ILE A 194 -3.07 -3.57 -14.27
C ILE A 194 -2.80 -3.68 -12.78
N ASN A 195 -2.14 -2.64 -12.24
CA ASN A 195 -1.85 -2.58 -10.82
C ASN A 195 -2.96 -1.81 -10.11
N PRO A 196 -3.70 -2.44 -9.18
CA PRO A 196 -4.78 -1.71 -8.49
C PRO A 196 -4.30 -0.77 -7.41
N SER A 197 -3.01 -0.76 -7.09
CA SER A 197 -2.51 0.07 -6.01
C SER A 197 -2.71 1.55 -6.31
N ILE A 198 -3.03 2.32 -5.28
CA ILE A 198 -3.19 3.76 -5.37
C ILE A 198 -2.10 4.40 -4.52
N TYR A 199 -1.09 4.94 -5.18
CA TYR A 199 0.04 5.54 -4.50
C TYR A 199 -0.25 7.00 -4.16
N CYS A 200 0.00 7.37 -2.91
CA CYS A 200 -0.23 8.73 -2.46
C CYS A 200 1.02 9.58 -2.64
N TYR A 201 0.91 10.87 -2.33
CA TYR A 201 1.98 11.83 -2.58
C TYR A 201 1.93 12.91 -1.51
N GLN A 202 2.84 13.88 -1.61
CA GLN A 202 2.96 14.89 -0.55
C GLN A 202 1.68 15.69 -0.40
N GLN A 203 1.10 16.13 -1.52
CA GLN A 203 -0.09 16.98 -1.46
C GLN A 203 -1.24 16.29 -0.75
N VAL A 204 -1.27 14.97 -0.75
CA VAL A 204 -2.30 14.20 -0.08
C VAL A 204 -1.59 13.25 0.87
N SER A 205 -1.40 13.68 2.11
CA SER A 205 -0.71 12.88 3.10
C SER A 205 -1.61 12.71 4.31
N PRO A 206 -1.47 11.59 5.03
CA PRO A 206 -2.32 11.37 6.20
C PRO A 206 -2.09 12.47 7.24
N VAL A 207 -3.19 12.95 7.81
CA VAL A 207 -3.17 13.94 8.87
C VAL A 207 -4.14 13.51 9.97
N PRO A 208 -3.95 14.01 11.19
CA PRO A 208 -4.91 13.71 12.25
C PRO A 208 -6.31 14.15 11.86
N TYR A 209 -7.28 13.31 12.20
CA TYR A 209 -8.68 13.59 11.88
C TYR A 209 -9.18 14.66 12.83
N ASN A 210 -9.00 15.92 12.42
CA ASN A 210 -9.57 17.04 13.14
C ASN A 210 -10.92 17.36 12.52
N PRO A 211 -12.03 17.22 13.24
CA PRO A 211 -13.34 17.53 12.66
C PRO A 211 -13.59 19.02 12.42
N ALA A 212 -12.56 19.86 12.51
CA ALA A 212 -12.74 21.28 12.24
C ALA A 212 -13.19 21.51 10.81
N LYS A 213 -12.57 20.81 9.85
CA LYS A 213 -12.95 20.91 8.45
C LYS A 213 -13.35 19.59 7.83
N HIS A 214 -12.86 18.46 8.35
CA HIS A 214 -13.23 17.16 7.82
C HIS A 214 -14.71 16.90 8.06
N PRO A 215 -15.35 16.09 7.22
CA PRO A 215 -16.81 15.94 7.29
C PRO A 215 -17.24 15.16 8.53
N ALA A 216 -18.54 15.24 8.81
CA ALA A 216 -19.11 14.69 10.03
C ALA A 216 -19.30 13.18 9.88
N LEU A 217 -18.61 12.42 10.72
CA LEU A 217 -18.69 10.97 10.77
C LEU A 217 -19.04 10.56 12.19
N PRO A 218 -19.68 9.40 12.37
CA PRO A 218 -19.98 8.92 13.73
C PRO A 218 -18.75 8.37 14.44
N PHE A 219 -17.76 9.25 14.61
CA PHE A 219 -16.45 8.89 15.14
C PHE A 219 -16.18 9.68 16.41
N SER A 220 -14.95 9.54 16.91
CA SER A 220 -14.44 10.34 18.02
C SER A 220 -13.43 11.34 17.47
N GLY A 221 -12.79 12.07 18.38
CA GLY A 221 -11.78 13.04 18.01
C GLY A 221 -10.63 13.00 18.99
N VAL A 222 -9.47 13.44 18.51
CA VAL A 222 -8.23 13.39 19.28
C VAL A 222 -7.52 14.73 19.18
N ASP A 223 -6.69 15.00 20.19
CA ASP A 223 -5.81 16.16 20.16
C ASP A 223 -4.48 15.76 19.55
N PRO A 224 -4.07 16.37 18.43
CA PRO A 224 -2.77 16.00 17.84
C PRO A 224 -1.60 16.26 18.77
N GLY A 225 -1.75 17.13 19.77
CA GLY A 225 -0.66 17.43 20.68
C GLY A 225 -0.66 16.60 21.95
N ALA A 226 -1.83 16.13 22.37
CA ALA A 226 -1.92 15.34 23.59
C ALA A 226 -1.26 13.98 23.39
N PRO A 227 -0.59 13.44 24.40
CA PRO A 227 0.01 12.11 24.26
C PRO A 227 -1.05 11.04 24.07
N LEU A 228 -0.67 9.98 23.37
CA LEU A 228 -1.61 8.94 23.00
C LEU A 228 -2.07 8.17 24.23
N PRO A 229 -3.35 7.78 24.29
CA PRO A 229 -3.85 7.03 25.46
C PRO A 229 -3.19 5.66 25.59
N LEU A 230 -3.15 5.17 26.82
CA LEU A 230 -2.56 3.88 27.14
C LEU A 230 -3.65 2.83 27.31
N GLY A 231 -3.30 1.57 27.05
CA GLY A 231 -4.27 0.50 27.00
C GLY A 231 -4.67 -0.10 28.33
N THR A 232 -5.50 0.63 29.10
CA THR A 232 -6.09 0.16 30.35
C THR A 232 -5.01 -0.35 31.30
N PRO A 233 -4.24 0.54 31.91
CA PRO A 233 -3.19 0.09 32.83
C PRO A 233 -3.78 -0.55 34.08
N ASN A 234 -2.98 -1.41 34.71
CA ASN A 234 -3.38 -2.16 35.91
C ASN A 234 -4.62 -3.02 35.62
N ARG A 235 -4.41 -4.00 34.75
CA ARG A 235 -5.49 -4.87 34.31
C ARG A 235 -6.24 -5.49 35.47
N LEU A 236 -5.53 -5.85 36.54
CA LEU A 236 -6.16 -6.47 37.70
C LEU A 236 -6.77 -5.43 38.63
N SER A 237 -7.55 -4.51 38.06
CA SER A 237 -8.46 -3.65 38.83
C SER A 237 -9.64 -3.34 37.92
N ILE A 238 -10.65 -4.20 37.97
CA ILE A 238 -11.82 -4.11 37.08
C ILE A 238 -13.01 -4.67 37.85
N PRO A 239 -14.15 -3.97 37.86
CA PRO A 239 -15.32 -4.50 38.57
C PRO A 239 -15.83 -5.77 37.90
N LYS A 240 -16.39 -6.66 38.72
CA LYS A 240 -16.94 -7.90 38.19
C LYS A 240 -18.13 -7.61 37.28
N GLY A 241 -18.26 -8.40 36.23
CA GLY A 241 -19.31 -8.20 35.26
C GLY A 241 -19.02 -7.14 34.22
N GLN A 242 -17.84 -6.54 34.26
CA GLN A 242 -17.43 -5.53 33.30
C GLN A 242 -16.44 -6.12 32.30
N PRO A 243 -16.35 -5.56 31.09
CA PRO A 243 -15.43 -6.11 30.09
C PRO A 243 -13.99 -6.05 30.57
N GLY A 244 -13.22 -7.07 30.21
CA GLY A 244 -11.82 -7.19 30.58
C GLY A 244 -11.57 -7.82 31.92
N TYR A 245 -12.62 -8.16 32.67
CA TYR A 245 -12.45 -8.67 34.03
C TYR A 245 -11.78 -10.04 34.01
N VAL A 246 -10.75 -10.19 34.83
CA VAL A 246 -10.05 -11.46 34.99
C VAL A 246 -10.60 -12.13 36.25
N PRO A 247 -11.22 -13.31 36.14
CA PRO A 247 -11.69 -13.99 37.35
C PRO A 247 -10.54 -14.40 38.25
N GLU A 248 -10.87 -14.62 39.53
CA GLU A 248 -9.84 -14.81 40.54
C GLU A 248 -8.99 -16.05 40.28
N TRP A 249 -9.59 -17.13 39.78
CA TRP A 249 -8.81 -18.34 39.53
C TRP A 249 -7.77 -18.13 38.45
N GLN A 250 -7.95 -17.16 37.57
CA GLN A 250 -7.04 -16.91 36.47
C GLN A 250 -5.91 -15.97 36.83
N ARG A 251 -6.08 -15.16 37.88
CA ARG A 251 -5.05 -14.20 38.25
C ARG A 251 -3.72 -14.85 38.62
N PRO A 252 -3.67 -15.94 39.40
CA PRO A 252 -2.42 -16.70 39.46
C PRO A 252 -2.05 -17.19 38.07
N HIS A 253 -0.75 -17.16 37.79
CA HIS A 253 -0.20 -17.60 36.51
C HIS A 253 -0.69 -16.74 35.35
N LEU A 254 -0.61 -15.43 35.53
CA LEU A 254 -0.75 -14.48 34.43
C LEU A 254 0.63 -14.02 34.01
N SER A 255 0.75 -13.60 32.75
CA SER A 255 2.06 -13.24 32.22
C SER A 255 2.66 -12.07 32.97
N THR A 256 3.92 -12.22 33.37
CA THR A 256 4.64 -11.16 34.03
C THR A 256 5.60 -10.41 33.09
N LYS A 257 5.98 -11.04 31.97
CA LYS A 257 6.85 -10.40 31.01
C LYS A 257 6.08 -9.36 30.19
N ASN A 258 6.81 -8.39 29.67
CA ASN A 258 6.20 -7.36 28.85
C ASN A 258 5.83 -7.93 27.49
N LYS A 259 4.57 -7.79 27.11
CA LYS A 259 4.09 -8.29 25.83
C LYS A 259 3.03 -7.34 25.30
N ARG A 260 2.46 -7.70 24.16
CA ARG A 260 1.28 -7.02 23.66
C ARG A 260 0.15 -7.13 24.68
N ILE A 261 -0.55 -6.03 24.90
CA ILE A 261 -1.73 -5.99 25.76
C ILE A 261 -2.93 -6.06 24.84
N ARG A 262 -3.52 -7.23 24.72
CA ARG A 262 -4.70 -7.40 23.89
C ARG A 262 -5.90 -6.72 24.56
N LYS A 263 -6.82 -6.25 23.72
CA LYS A 263 -7.99 -5.57 24.22
C LYS A 263 -9.14 -6.54 24.41
N TRP A 264 -10.15 -6.15 25.17
CA TRP A 264 -11.31 -6.99 25.41
C TRP A 264 -11.99 -7.40 24.11
N TYR A 265 -12.20 -6.44 23.21
CA TYR A 265 -12.99 -6.67 22.01
C TYR A 265 -12.15 -7.12 20.83
N ALA A 266 -11.02 -7.77 21.09
CA ALA A 266 -10.22 -8.31 20.00
C ALA A 266 -10.97 -9.44 19.29
N ARG A 267 -10.65 -9.63 18.01
CA ARG A 267 -11.27 -10.69 17.25
C ARG A 267 -10.69 -12.06 17.58
N ALA A 268 -9.51 -12.10 18.19
CA ALA A 268 -8.87 -13.37 18.57
C ALA A 268 -9.45 -13.95 19.85
N ASN A 269 -10.16 -13.15 20.64
CA ASN A 269 -10.83 -13.62 21.85
C ASN A 269 -12.29 -14.00 21.62
N TRP A 270 -12.86 -13.62 20.47
CA TRP A 270 -14.22 -14.00 20.09
C TRP A 270 -14.12 -14.55 18.68
N ARG A 271 -13.84 -15.86 18.58
CA ARG A 271 -13.70 -16.51 17.28
C ARG A 271 -14.04 -17.98 17.45
N ARG A 272 -14.39 -18.61 16.32
CA ARG A 272 -14.67 -20.04 16.35
C ARG A 272 -13.40 -20.82 16.66
N LYS A 273 -13.51 -21.72 17.64
CA LYS A 273 -12.38 -22.52 18.08
C LYS A 273 -12.95 -23.83 18.71
N PRO A 274 -12.23 -25.00 18.59
CA PRO A 274 -12.82 -26.24 19.11
C PRO A 274 -13.28 -26.20 20.56
N GLY A 275 -12.54 -25.55 21.45
CA GLY A 275 -12.89 -25.58 22.86
C GLY A 275 -13.43 -24.27 23.41
N ARG A 276 -13.85 -23.38 22.51
CA ARG A 276 -14.36 -22.08 22.92
C ARG A 276 -15.86 -22.09 22.89
N LYS A 277 -16.48 -21.97 24.05
CA LYS A 277 -17.94 -22.00 24.16
C LYS A 277 -18.58 -20.62 24.15
N SER A 278 -17.78 -19.56 24.19
CA SER A 278 -18.33 -18.21 24.09
C SER A 278 -18.88 -17.97 22.68
N VAL A 279 -19.96 -17.22 22.61
CA VAL A 279 -20.64 -16.97 21.34
C VAL A 279 -20.06 -15.72 20.70
N LEU A 280 -19.73 -15.83 19.41
CA LEU A 280 -19.18 -14.71 18.66
C LEU A 280 -20.25 -13.71 18.29
N ASP A 281 -20.03 -12.44 18.61
CA ASP A 281 -20.96 -11.38 18.23
C ASP A 281 -20.13 -10.30 17.52
N GLU A 282 -19.93 -10.49 16.21
CA GLU A 282 -19.10 -9.57 15.45
C GLU A 282 -19.73 -8.18 15.37
N ALA A 283 -21.07 -8.12 15.25
CA ALA A 283 -21.74 -6.83 15.12
C ALA A 283 -21.48 -5.92 16.30
N LYS A 284 -21.45 -6.46 17.51
CA LYS A 284 -21.09 -5.67 18.68
C LYS A 284 -19.58 -5.61 18.91
N LEU A 285 -18.87 -6.69 18.58
CA LEU A 285 -17.42 -6.72 18.76
C LEU A 285 -16.73 -5.63 17.94
N LYS A 286 -17.30 -5.26 16.80
CA LYS A 286 -16.74 -4.18 15.99
C LYS A 286 -17.36 -2.83 16.33
N GLU A 287 -18.69 -2.78 16.51
CA GLU A 287 -19.35 -1.53 16.85
C GLU A 287 -18.87 -0.95 18.17
N ALA A 288 -18.27 -1.78 19.04
CA ALA A 288 -17.65 -1.30 20.26
C ALA A 288 -16.13 -1.39 20.19
N ALA A 289 -15.57 -1.31 18.98
CA ALA A 289 -14.13 -1.40 18.80
C ALA A 289 -13.52 -0.15 18.17
N LEU A 290 -14.35 0.67 17.53
CA LEU A 290 -13.87 1.89 16.89
C LEU A 290 -14.02 3.10 17.80
N LYS A 291 -14.63 2.92 18.97
CA LYS A 291 -14.71 4.02 19.93
C LYS A 291 -13.33 4.44 20.40
N GLU A 292 -12.44 3.47 20.61
CA GLU A 292 -11.07 3.74 21.03
C GLU A 292 -10.11 3.78 19.85
N ALA A 293 -10.61 4.14 18.67
CA ALA A 293 -9.76 4.17 17.48
C ALA A 293 -9.09 5.50 17.30
N ILE A 294 -7.94 5.49 16.64
CA ILE A 294 -7.23 6.73 16.36
C ILE A 294 -7.43 6.97 14.89
N PRO A 295 -8.05 8.10 14.53
CA PRO A 295 -8.36 8.26 13.10
C PRO A 295 -7.39 9.16 12.32
N ILE A 296 -6.88 8.65 11.19
CA ILE A 296 -6.02 9.47 10.34
C ILE A 296 -6.70 9.58 8.99
N ILE A 297 -6.66 10.73 8.34
CA ILE A 297 -7.45 10.92 7.13
C ILE A 297 -6.61 11.32 5.91
N VAL A 298 -6.81 10.63 4.79
CA VAL A 298 -6.16 11.00 3.54
C VAL A 298 -7.26 11.57 2.65
N THR A 299 -6.96 12.61 1.88
CA THR A 299 -7.99 13.24 1.05
C THR A 299 -7.41 13.71 -0.28
N ILE A 300 -7.84 13.10 -1.39
CA ILE A 300 -7.39 13.54 -2.70
C ILE A 300 -8.24 14.71 -3.18
N GLY A 301 -9.51 14.46 -3.47
CA GLY A 301 -10.41 15.49 -3.93
C GLY A 301 -11.58 15.64 -2.99
N LYS A 302 -12.74 15.19 -3.45
CA LYS A 302 -13.93 15.06 -2.62
C LYS A 302 -14.02 13.68 -1.97
N ASP A 303 -12.87 13.03 -1.85
CA ASP A 303 -12.83 11.69 -1.28
C ASP A 303 -12.21 11.90 0.09
N TRP A 304 -12.54 11.07 1.07
CA TRP A 304 -12.06 11.30 2.44
C TRP A 304 -11.75 10.03 3.21
N ILE A 305 -10.92 9.14 2.63
CA ILE A 305 -10.48 7.94 3.35
C ILE A 305 -10.08 8.29 4.77
N VAL A 306 -10.67 7.57 5.73
CA VAL A 306 -10.29 7.66 7.14
C VAL A 306 -9.80 6.29 7.58
N MET A 307 -8.68 6.27 8.28
CA MET A 307 -8.11 5.00 8.65
C MET A 307 -8.04 4.81 10.15
N ASP A 308 -7.30 3.80 10.57
CA ASP A 308 -7.17 3.48 11.99
C ASP A 308 -5.69 3.45 12.31
N ALA A 309 -5.20 4.49 12.99
CA ALA A 309 -3.79 4.54 13.36
C ALA A 309 -3.53 3.79 14.67
N ARG A 310 -4.07 2.58 14.76
CA ARG A 310 -3.69 1.63 15.79
C ARG A 310 -2.72 0.59 15.29
N GLY A 311 -2.74 0.31 13.99
CA GLY A 311 -1.68 -0.48 13.39
C GLY A 311 -0.35 0.24 13.42
N LEU A 312 -0.37 1.55 13.17
CA LEU A 312 0.84 2.35 13.33
C LEU A 312 1.32 2.36 14.78
N LEU A 313 0.37 2.50 15.70
CA LEU A 313 0.72 2.52 17.12
C LEU A 313 1.34 1.19 17.54
N ARG A 314 0.78 0.08 17.07
CA ARG A 314 1.42 -1.21 17.30
C ARG A 314 2.79 -1.29 16.66
N ALA A 315 2.93 -0.78 15.43
CA ALA A 315 4.18 -0.89 14.71
C ALA A 315 5.31 -0.19 15.44
N VAL A 316 5.03 1.00 16.00
CA VAL A 316 6.10 1.74 16.67
C VAL A 316 6.55 1.11 17.98
N TYR A 317 5.75 0.21 18.56
CA TYR A 317 6.03 -0.33 19.89
C TYR A 317 6.72 -1.69 19.89
N TRP A 318 7.06 -2.27 18.74
CA TRP A 318 7.78 -3.53 18.77
C TRP A 318 9.09 -3.54 17.98
N ARG A 319 9.51 -2.40 17.42
CA ARG A 319 10.85 -2.27 16.88
C ARG A 319 11.74 -1.33 17.69
N GLY A 320 11.45 -1.17 18.98
CA GLY A 320 12.29 -0.32 19.81
C GLY A 320 12.31 1.12 19.36
N ILE A 321 11.13 1.69 19.09
CA ILE A 321 11.01 3.03 18.52
C ILE A 321 10.44 4.01 19.54
N ALA A 322 9.22 3.76 20.02
CA ALA A 322 8.49 4.74 20.81
C ALA A 322 7.88 4.09 22.05
N LYS A 323 7.41 4.94 22.95
CA LYS A 323 6.78 4.52 24.20
C LYS A 323 5.42 5.21 24.35
N PRO A 324 4.81 5.03 25.53
CA PRO A 324 3.45 5.53 25.73
C PRO A 324 3.33 7.04 25.66
N GLY A 325 4.44 7.75 25.87
CA GLY A 325 4.44 9.22 25.80
C GLY A 325 4.75 9.64 24.38
N LEU A 326 3.69 9.78 23.58
CA LEU A 326 3.86 10.15 22.17
C LEU A 326 2.53 10.68 21.62
N SER A 327 2.55 11.90 21.08
CA SER A 327 1.33 12.49 20.53
C SER A 327 1.04 11.95 19.14
N LEU A 328 -0.16 12.23 18.62
CA LEU A 328 -0.53 11.71 17.31
C LEU A 328 0.38 12.25 16.21
N LYS A 329 0.73 13.53 16.27
CA LYS A 329 1.59 14.11 15.24
C LYS A 329 2.92 13.38 15.15
N GLU A 330 3.53 13.07 16.30
CA GLU A 330 4.76 12.29 16.30
C GLU A 330 4.55 10.86 15.85
N LEU A 331 3.32 10.33 15.99
CA LEU A 331 3.08 8.94 15.60
C LEU A 331 3.26 8.74 14.10
N LEU A 332 2.60 9.56 13.29
CA LEU A 332 2.72 9.45 11.85
C LEU A 332 3.82 10.33 11.29
N GLY A 333 4.62 10.97 12.16
CA GLY A 333 5.89 11.52 11.77
C GLY A 333 7.01 10.50 11.65
N PHE A 334 6.76 9.27 12.10
CA PHE A 334 7.68 8.18 11.90
C PHE A 334 7.51 7.52 10.54
N PHE A 335 6.50 7.92 9.78
CA PHE A 335 6.13 7.25 8.55
C PHE A 335 6.29 8.18 7.36
N SER A 336 6.57 7.60 6.21
CA SER A 336 6.57 8.36 4.97
C SER A 336 5.15 8.85 4.67
N GLY A 337 5.08 10.02 4.05
CA GLY A 337 3.80 10.65 3.79
C GLY A 337 3.05 10.13 2.58
N ASP A 338 3.54 9.07 1.94
CA ASP A 338 2.93 8.50 0.74
C ASP A 338 2.61 7.03 1.00
N PRO A 339 1.44 6.73 1.56
CA PRO A 339 1.03 5.35 1.72
C PRO A 339 0.47 4.77 0.42
N VAL A 340 0.26 3.46 0.43
CA VAL A 340 -0.29 2.73 -0.71
C VAL A 340 -1.62 2.12 -0.28
N LEU A 341 -2.62 2.25 -1.13
CA LEU A 341 -3.98 1.85 -0.82
C LEU A 341 -4.40 0.66 -1.69
N ASP A 342 -5.06 -0.32 -1.07
CA ASP A 342 -5.55 -1.49 -1.78
C ASP A 342 -7.06 -1.39 -1.94
N PRO A 343 -7.57 -1.07 -3.13
CA PRO A 343 -9.03 -0.88 -3.26
C PRO A 343 -9.86 -2.12 -2.93
N LYS A 344 -9.38 -3.31 -3.27
CA LYS A 344 -10.20 -4.50 -3.10
C LYS A 344 -10.03 -5.16 -1.74
N ARG A 345 -8.82 -5.16 -1.18
CA ARG A 345 -8.63 -5.77 0.14
C ARG A 345 -9.12 -4.86 1.25
N GLY A 346 -9.10 -3.55 1.05
CA GLY A 346 -9.54 -2.62 2.08
C GLY A 346 -8.50 -2.34 3.13
N ILE A 347 -7.24 -2.16 2.73
CA ILE A 347 -6.13 -1.95 3.64
C ILE A 347 -5.28 -0.80 3.10
N ALA A 348 -4.58 -0.13 4.00
CA ALA A 348 -3.59 0.86 3.63
C ALA A 348 -2.24 0.46 4.21
N THR A 349 -1.18 0.63 3.43
CA THR A 349 0.16 0.23 3.83
C THR A 349 1.02 1.48 4.01
N PHE A 350 1.75 1.53 5.12
CA PHE A 350 2.64 2.63 5.43
C PHE A 350 4.09 2.15 5.41
N THR A 351 5.00 3.10 5.34
CA THR A 351 6.42 2.80 5.41
C THR A 351 7.08 3.80 6.34
N PHE A 352 8.03 3.33 7.13
CA PHE A 352 8.80 4.20 8.01
C PHE A 352 9.66 5.15 7.18
N LYS A 353 10.34 6.06 7.87
CA LYS A 353 11.37 6.87 7.25
C LYS A 353 12.71 6.16 7.35
N LEU A 354 13.76 6.84 6.88
CA LEU A 354 15.10 6.25 6.90
C LEU A 354 15.63 6.06 8.32
N GLY A 355 15.07 6.77 9.29
CA GLY A 355 15.51 6.64 10.67
C GLY A 355 14.49 5.98 11.58
#